data_5E4W
#
_entry.id   5E4W
#
_cell.length_a   79.592
_cell.length_b   163.668
_cell.length_c   37.430
_cell.angle_alpha   90.000
_cell.angle_beta   90.000
_cell.angle_gamma   90.000
#
_symmetry.space_group_name_H-M   'P 21 21 2'
#
loop_
_entity.id
_entity.type
_entity.pdbx_description
1 polymer Thioredoxin-1
2 polymer 'Signal recognition particle 43 kDa protein, chloroplastic'
3 polymer 'Inner membrane protein ALBINO3, chloroplastic'
4 non-polymer GLYCEROL
5 non-polymer 'CALCIUM ION'
6 water water
#
loop_
_entity_poly.entity_id
_entity_poly.type
_entity_poly.pdbx_seq_one_letter_code
_entity_poly.pdbx_strand_id
1 'polypeptide(L)'
;DKIIHLTDDSFDTDVLKADGAILVDFWAEWCGPCKMIAPILDEIADEYQGKLTVAKLNIDQNPGTAPKYGIRGIPTLLLF
KNGEVAATKVGALSKGQLKEFLDANLAGS
;
A,B
2 'polypeptide(L)'
;QVFEYAEVDEIVEKRGKGKDVEYLVRWKDGGDCEWVKGVHVAEDVAKDYEDGLEYAVAESVIGKRVGDDGKTIEYLVKWT
DMSDATWEPQDNVDSTLVLLYQQQQ
;
C,D
3 'polypeptide(L)' SKRSKRKRT E,F
#
# COMPACT_ATOMS: atom_id res chain seq x y z
N ASP A 1 -5.36 -25.82 -15.57
CA ASP A 1 -4.68 -25.86 -14.27
C ASP A 1 -5.70 -25.62 -13.17
N LYS A 2 -5.50 -26.20 -12.00
CA LYS A 2 -6.42 -25.95 -10.90
C LYS A 2 -6.02 -24.68 -10.18
N ILE A 3 -4.89 -24.13 -10.57
CA ILE A 3 -4.44 -22.85 -10.05
C ILE A 3 -4.43 -21.91 -11.25
N ILE A 4 -4.47 -20.60 -11.01
CA ILE A 4 -4.42 -19.65 -12.11
C ILE A 4 -3.15 -18.82 -12.07
N HIS A 5 -2.46 -18.73 -13.20
CA HIS A 5 -1.29 -17.88 -13.30
C HIS A 5 -1.70 -16.53 -13.89
N LEU A 6 -1.71 -15.51 -13.04
CA LEU A 6 -2.24 -14.20 -13.42
C LEU A 6 -1.20 -13.34 -14.13
N THR A 7 -1.68 -12.39 -14.91
CA THR A 7 -0.84 -11.40 -15.56
C THR A 7 -1.35 -10.00 -15.21
N ASP A 8 -0.49 -8.99 -15.39
CA ASP A 8 -0.87 -7.62 -15.13
C ASP A 8 -2.05 -7.19 -15.98
N ASP A 9 -2.14 -7.76 -17.17
CA ASP A 9 -3.20 -7.41 -18.12
C ASP A 9 -4.51 -8.11 -17.79
N SER A 10 -4.43 -9.38 -17.40
CA SER A 10 -5.62 -10.19 -17.13
C SER A 10 -6.13 -10.05 -15.70
N PHE A 11 -5.37 -9.36 -14.85
CA PHE A 11 -5.73 -9.23 -13.44
C PHE A 11 -7.07 -8.53 -13.25
N ASP A 12 -7.38 -7.58 -14.12
CA ASP A 12 -8.64 -6.84 -14.05
C ASP A 12 -9.82 -7.76 -14.36
N THR A 13 -9.70 -8.51 -15.45
CA THR A 13 -10.79 -9.38 -15.89
C THR A 13 -10.93 -10.64 -15.03
N ASP A 14 -9.80 -11.22 -14.63
CA ASP A 14 -9.81 -12.50 -13.93
C ASP A 14 -10.15 -12.38 -12.45
N VAL A 15 -9.75 -11.29 -11.82
CA VAL A 15 -9.92 -11.11 -10.38
C VAL A 15 -11.04 -10.12 -10.05
N LEU A 16 -10.95 -8.93 -10.62
CA LEU A 16 -11.87 -7.83 -10.29
C LEU A 16 -13.27 -8.09 -10.86
N LYS A 17 -13.35 -8.72 -12.02
CA LYS A 17 -14.63 -8.95 -12.67
C LYS A 17 -15.19 -10.34 -12.38
N ALA A 18 -14.58 -11.04 -11.43
CA ALA A 18 -15.01 -12.40 -11.11
C ALA A 18 -16.02 -12.45 -9.98
N ASP A 19 -16.60 -13.63 -9.77
CA ASP A 19 -17.55 -13.84 -8.68
C ASP A 19 -17.01 -14.90 -7.71
N GLY A 20 -17.47 -14.85 -6.46
CA GLY A 20 -17.02 -15.79 -5.47
C GLY A 20 -15.78 -15.32 -4.74
N ALA A 21 -15.00 -16.26 -4.23
CA ALA A 21 -13.78 -15.94 -3.51
C ALA A 21 -12.53 -16.35 -4.29
N ILE A 22 -11.52 -15.49 -4.29
CA ILE A 22 -10.27 -15.76 -4.99
C ILE A 22 -9.06 -15.45 -4.10
N LEU A 23 -8.21 -16.45 -3.92
CA LEU A 23 -6.97 -16.26 -3.17
C LEU A 23 -5.80 -16.03 -4.13
N VAL A 24 -5.10 -14.91 -3.95
CA VAL A 24 -4.02 -14.54 -4.86
C VAL A 24 -2.66 -14.54 -4.16
N ASP A 25 -1.68 -15.19 -4.78
CA ASP A 25 -0.35 -15.29 -4.20
C ASP A 25 0.66 -14.45 -4.99
N PHE A 26 1.35 -13.55 -4.29
CA PHE A 26 2.40 -12.74 -4.90
C PHE A 26 3.75 -13.37 -4.60
N TRP A 27 4.43 -13.86 -5.63
CA TRP A 27 5.64 -14.64 -5.44
C TRP A 27 6.74 -14.32 -6.45
N ALA A 28 7.90 -14.91 -6.23
CA ALA A 28 9.04 -14.80 -7.14
C ALA A 28 9.90 -16.05 -7.08
N GLU A 29 10.61 -16.35 -8.16
CA GLU A 29 11.45 -17.54 -8.21
C GLU A 29 12.64 -17.46 -7.27
N TRP A 30 13.15 -16.24 -7.06
CA TRP A 30 14.31 -16.04 -6.19
C TRP A 30 13.88 -15.98 -4.73
N CYS A 31 12.56 -15.94 -4.50
CA CYS A 31 12.03 -15.84 -3.15
C CYS A 31 11.99 -17.20 -2.47
N GLY A 32 12.70 -17.32 -1.35
CA GLY A 32 12.74 -18.55 -0.58
C GLY A 32 11.39 -18.92 0.01
N PRO A 33 10.93 -18.13 1.00
CA PRO A 33 9.63 -18.31 1.68
C PRO A 33 8.44 -18.47 0.73
N CYS A 34 8.54 -17.92 -0.47
CA CYS A 34 7.46 -18.05 -1.46
C CYS A 34 7.30 -19.50 -1.90
N LYS A 35 8.41 -20.18 -2.11
CA LYS A 35 8.40 -21.59 -2.48
C LYS A 35 8.11 -22.48 -1.28
N MET A 36 8.30 -21.93 -0.09
CA MET A 36 8.05 -22.66 1.15
C MET A 36 6.56 -22.99 1.30
N ILE A 37 5.70 -22.06 0.88
CA ILE A 37 4.25 -22.26 1.00
C ILE A 37 3.66 -22.74 -0.32
N ALA A 38 4.51 -22.93 -1.32
CA ALA A 38 4.06 -23.37 -2.64
C ALA A 38 3.34 -24.73 -2.63
N PRO A 39 3.91 -25.75 -1.96
CA PRO A 39 3.18 -27.02 -1.97
C PRO A 39 1.86 -26.97 -1.20
N ILE A 40 1.78 -26.11 -0.19
CA ILE A 40 0.58 -25.96 0.62
C ILE A 40 -0.60 -25.48 -0.24
N LEU A 41 -0.35 -24.50 -1.09
CA LEU A 41 -1.37 -23.94 -1.96
C LEU A 41 -1.94 -24.99 -2.91
N ASP A 42 -1.11 -25.96 -3.30
CA ASP A 42 -1.55 -27.04 -4.17
C ASP A 42 -2.57 -27.91 -3.45
N GLU A 43 -2.27 -28.24 -2.19
CA GLU A 43 -3.17 -29.04 -1.37
C GLU A 43 -4.45 -28.27 -1.05
N ILE A 44 -4.31 -26.97 -0.81
CA ILE A 44 -5.44 -26.10 -0.52
C ILE A 44 -6.43 -26.04 -1.69
N ALA A 45 -5.89 -25.90 -2.91
CA ALA A 45 -6.70 -25.82 -4.11
C ALA A 45 -7.54 -27.08 -4.30
N ASP A 46 -7.01 -28.22 -3.86
CA ASP A 46 -7.72 -29.49 -3.96
C ASP A 46 -8.83 -29.58 -2.92
N GLU A 47 -8.51 -29.22 -1.68
CA GLU A 47 -9.46 -29.31 -0.58
C GLU A 47 -10.58 -28.28 -0.71
N TYR A 48 -10.21 -27.04 -1.03
CA TYR A 48 -11.19 -25.97 -1.17
C TYR A 48 -11.70 -25.84 -2.61
N GLN A 49 -11.78 -26.98 -3.30
CA GLN A 49 -12.24 -27.00 -4.69
C GLN A 49 -13.74 -26.70 -4.79
N GLY A 50 -14.09 -25.70 -5.58
CA GLY A 50 -15.48 -25.34 -5.79
C GLY A 50 -15.93 -24.26 -4.83
N LYS A 51 -15.23 -24.12 -3.72
CA LYS A 51 -15.56 -23.12 -2.70
C LYS A 51 -14.60 -21.94 -2.77
N LEU A 52 -13.50 -22.12 -3.51
CA LEU A 52 -12.45 -21.11 -3.58
C LEU A 52 -11.67 -21.25 -4.89
N THR A 53 -11.04 -20.15 -5.32
CA THR A 53 -10.18 -20.18 -6.48
C THR A 53 -8.79 -19.69 -6.09
N VAL A 54 -7.78 -20.51 -6.34
CA VAL A 54 -6.41 -20.18 -6.01
C VAL A 54 -5.67 -19.64 -7.24
N ALA A 55 -5.02 -18.51 -7.08
CA ALA A 55 -4.30 -17.88 -8.19
C ALA A 55 -2.96 -17.32 -7.74
N LYS A 56 -2.02 -17.22 -8.68
CA LYS A 56 -0.69 -16.70 -8.40
C LYS A 56 -0.34 -15.56 -9.35
N LEU A 57 0.56 -14.70 -8.90
CA LEU A 57 1.07 -13.63 -9.74
C LEU A 57 2.57 -13.49 -9.57
N ASN A 58 3.31 -13.75 -10.64
CA ASN A 58 4.76 -13.59 -10.62
C ASN A 58 5.14 -12.13 -10.77
N ILE A 59 5.69 -11.56 -9.72
CA ILE A 59 5.98 -10.12 -9.68
C ILE A 59 7.10 -9.73 -10.64
N ASP A 60 7.93 -10.69 -11.03
CA ASP A 60 8.99 -10.41 -11.99
C ASP A 60 8.41 -10.19 -13.37
N GLN A 61 7.56 -11.10 -13.82
CA GLN A 61 6.88 -10.94 -15.11
C GLN A 61 5.78 -9.89 -15.01
N ASN A 62 5.26 -9.69 -13.82
CA ASN A 62 4.18 -8.74 -13.60
C ASN A 62 4.41 -7.83 -12.40
N PRO A 63 5.19 -6.75 -12.60
CA PRO A 63 5.54 -5.80 -11.54
C PRO A 63 4.57 -4.63 -11.42
N GLY A 64 3.47 -4.68 -12.16
CA GLY A 64 2.48 -3.61 -12.15
C GLY A 64 1.43 -3.73 -11.06
N THR A 65 0.89 -4.94 -10.90
CA THR A 65 -0.21 -5.16 -9.98
C THR A 65 0.21 -5.10 -8.50
N ALA A 66 1.42 -5.55 -8.21
CA ALA A 66 1.90 -5.65 -6.83
C ALA A 66 1.93 -4.30 -6.08
N PRO A 67 2.48 -3.23 -6.67
CA PRO A 67 2.51 -1.99 -5.90
C PRO A 67 1.14 -1.33 -5.73
N LYS A 68 0.14 -1.80 -6.47
CA LYS A 68 -1.20 -1.24 -6.40
C LYS A 68 -1.84 -1.49 -5.04
N TYR A 69 -1.38 -2.54 -4.35
CA TYR A 69 -1.96 -2.90 -3.06
C TYR A 69 -0.94 -2.70 -1.93
N GLY A 70 0.14 -2.00 -2.24
CA GLY A 70 1.15 -1.66 -1.25
C GLY A 70 1.88 -2.87 -0.69
N ILE A 71 2.27 -3.78 -1.56
CA ILE A 71 2.96 -4.99 -1.15
C ILE A 71 4.48 -4.81 -1.22
N ARG A 72 5.11 -4.68 -0.06
CA ARG A 72 6.56 -4.50 -0.01
C ARG A 72 7.28 -5.80 0.35
N GLY A 73 6.52 -6.78 0.80
CA GLY A 73 7.08 -8.07 1.21
C GLY A 73 6.36 -9.25 0.60
N ILE A 74 7.11 -10.31 0.31
CA ILE A 74 6.54 -11.50 -0.30
C ILE A 74 6.97 -12.75 0.47
N PRO A 75 6.12 -13.78 0.52
CA PRO A 75 4.81 -13.89 -0.15
C PRO A 75 3.70 -13.13 0.56
N THR A 76 2.74 -12.63 -0.22
CA THR A 76 1.57 -11.95 0.32
C THR A 76 0.29 -12.52 -0.28
N LEU A 77 -0.66 -12.87 0.57
CA LEU A 77 -1.89 -13.48 0.11
C LEU A 77 -3.07 -12.50 0.19
N LEU A 78 -3.69 -12.24 -0.94
CA LEU A 78 -4.86 -11.36 -0.98
C LEU A 78 -6.12 -12.17 -1.23
N LEU A 79 -7.12 -11.99 -0.38
CA LEU A 79 -8.38 -12.68 -0.55
C LEU A 79 -9.43 -11.72 -1.12
N PHE A 80 -9.94 -12.05 -2.30
CA PHE A 80 -10.89 -11.20 -3.00
C PHE A 80 -12.28 -11.81 -2.93
N LYS A 81 -13.25 -11.01 -2.51
CA LYS A 81 -14.65 -11.43 -2.48
C LYS A 81 -15.39 -10.55 -3.46
N ASN A 82 -15.99 -11.17 -4.47
CA ASN A 82 -16.49 -10.42 -5.62
C ASN A 82 -15.29 -9.66 -6.20
N GLY A 83 -15.38 -8.33 -6.31
CA GLY A 83 -14.27 -7.56 -6.84
C GLY A 83 -13.29 -6.93 -5.85
N GLU A 84 -13.46 -7.16 -4.55
CA GLU A 84 -12.73 -6.39 -3.54
C GLU A 84 -12.00 -7.23 -2.49
N VAL A 85 -10.92 -6.66 -1.93
CA VAL A 85 -10.09 -7.31 -0.93
C VAL A 85 -10.83 -7.49 0.41
N ALA A 86 -10.82 -8.70 0.94
CA ALA A 86 -11.46 -8.99 2.22
C ALA A 86 -10.45 -9.01 3.36
N ALA A 87 -9.38 -9.79 3.17
CA ALA A 87 -8.32 -9.90 4.17
C ALA A 87 -7.00 -10.29 3.51
N THR A 88 -5.89 -9.92 4.14
CA THR A 88 -4.58 -10.22 3.57
C THR A 88 -3.66 -10.87 4.60
N LYS A 89 -2.73 -11.68 4.11
CA LYS A 89 -1.72 -12.32 4.97
C LYS A 89 -0.32 -12.05 4.44
N VAL A 90 0.59 -11.69 5.33
CA VAL A 90 1.96 -11.37 4.95
C VAL A 90 2.96 -12.33 5.58
N GLY A 91 3.68 -13.07 4.75
CA GLY A 91 4.69 -13.99 5.23
C GLY A 91 4.31 -15.45 5.06
N ALA A 92 5.28 -16.34 5.23
CA ALA A 92 5.04 -17.76 5.13
C ALA A 92 4.27 -18.25 6.36
N LEU A 93 3.54 -19.34 6.19
CA LEU A 93 2.72 -19.89 7.27
C LEU A 93 2.43 -21.37 7.03
N SER A 94 2.15 -22.10 8.11
CA SER A 94 1.87 -23.52 8.01
C SER A 94 0.52 -23.76 7.37
N LYS A 95 0.26 -25.00 6.96
CA LYS A 95 -1.01 -25.36 6.35
C LYS A 95 -2.16 -25.16 7.32
N GLY A 96 -1.89 -25.42 8.60
CA GLY A 96 -2.89 -25.22 9.63
C GLY A 96 -3.26 -23.77 9.81
N GLN A 97 -2.26 -22.90 9.78
CA GLN A 97 -2.48 -21.46 9.92
C GLN A 97 -3.23 -20.89 8.73
N LEU A 98 -2.99 -21.46 7.56
CA LEU A 98 -3.65 -21.00 6.34
C LEU A 98 -5.12 -21.39 6.32
N LYS A 99 -5.40 -22.62 6.76
CA LYS A 99 -6.79 -23.10 6.82
C LYS A 99 -7.60 -22.35 7.86
N GLU A 100 -7.00 -22.04 8.99
CA GLU A 100 -7.66 -21.28 10.04
C GLU A 100 -8.05 -19.90 9.53
N PHE A 101 -7.11 -19.26 8.84
CA PHE A 101 -7.35 -17.95 8.22
C PHE A 101 -8.41 -18.07 7.12
N LEU A 102 -8.34 -19.15 6.36
CA LEU A 102 -9.22 -19.34 5.21
C LEU A 102 -10.65 -19.67 5.66
N ASP A 103 -10.79 -20.57 6.61
CA ASP A 103 -12.10 -20.99 7.10
C ASP A 103 -12.80 -19.85 7.82
N ALA A 104 -12.02 -18.95 8.40
CA ALA A 104 -12.55 -17.83 9.17
C ALA A 104 -13.24 -16.80 8.29
N ASN A 105 -12.64 -16.53 7.12
CA ASN A 105 -13.14 -15.47 6.26
C ASN A 105 -14.29 -15.90 5.36
N LEU A 106 -14.34 -17.18 5.00
CA LEU A 106 -15.39 -17.67 4.11
C LEU A 106 -16.63 -18.05 4.91
N ALA A 107 -16.48 -18.17 6.22
CA ALA A 107 -17.59 -18.50 7.10
C ALA A 107 -18.55 -17.33 7.30
N GLY A 108 -18.00 -16.19 7.72
CA GLY A 108 -18.79 -15.01 8.03
C GLY A 108 -19.33 -14.26 6.83
N SER A 109 -18.66 -14.42 5.69
CA SER A 109 -19.05 -13.74 4.44
C SER A 109 -19.10 -12.23 4.61
N ASP B 1 -10.67 5.27 24.56
CA ASP B 1 -10.09 6.24 25.48
C ASP B 1 -8.67 5.82 25.88
N LYS B 2 -8.45 4.52 25.91
CA LYS B 2 -7.13 3.96 26.17
C LYS B 2 -6.31 3.82 24.89
N ILE B 3 -6.80 4.38 23.80
CA ILE B 3 -6.15 4.26 22.48
C ILE B 3 -5.42 5.53 22.04
N ILE B 4 -4.60 5.38 21.00
CA ILE B 4 -3.81 6.49 20.47
C ILE B 4 -4.30 6.99 19.11
N HIS B 5 -4.45 8.30 18.99
CA HIS B 5 -4.85 8.94 17.74
C HIS B 5 -3.62 9.40 16.95
N LEU B 6 -3.36 8.73 15.83
CA LEU B 6 -2.14 8.92 15.07
C LEU B 6 -2.20 10.10 14.09
N THR B 7 -1.02 10.60 13.71
CA THR B 7 -0.90 11.65 12.72
C THR B 7 0.06 11.18 11.63
N ASP B 8 0.00 11.78 10.44
CA ASP B 8 0.87 11.41 9.34
C ASP B 8 2.35 11.56 9.70
N ASP B 9 2.65 12.55 10.54
CA ASP B 9 4.02 12.81 10.96
C ASP B 9 4.43 11.84 12.06
N SER B 10 3.50 11.56 12.96
CA SER B 10 3.77 10.73 14.12
C SER B 10 3.60 9.24 13.82
N PHE B 11 3.05 8.93 12.64
CA PHE B 11 2.81 7.55 12.26
C PHE B 11 4.10 6.75 12.16
N ASP B 12 5.17 7.41 11.73
CA ASP B 12 6.47 6.77 11.59
C ASP B 12 7.03 6.37 12.94
N THR B 13 6.99 7.28 13.90
CA THR B 13 7.54 7.04 15.22
C THR B 13 6.68 6.12 16.07
N ASP B 14 5.35 6.28 15.95
CA ASP B 14 4.42 5.56 16.80
C ASP B 14 4.18 4.12 16.35
N VAL B 15 4.21 3.88 15.04
CA VAL B 15 3.89 2.56 14.51
C VAL B 15 5.12 1.80 14.00
N LEU B 16 5.87 2.44 13.10
CA LEU B 16 6.99 1.77 12.44
C LEU B 16 8.19 1.56 13.37
N LYS B 17 8.41 2.52 14.26
CA LYS B 17 9.55 2.46 15.17
C LYS B 17 9.18 1.89 16.54
N ALA B 18 7.98 1.33 16.63
CA ALA B 18 7.50 0.81 17.90
C ALA B 18 7.80 -0.67 18.08
N ASP B 19 7.56 -1.17 19.29
CA ASP B 19 7.74 -2.58 19.60
C ASP B 19 6.42 -3.20 20.03
N GLY B 20 6.31 -4.52 19.87
CA GLY B 20 5.09 -5.22 20.21
C GLY B 20 4.11 -5.25 19.07
N ALA B 21 2.83 -5.39 19.39
CA ALA B 21 1.79 -5.44 18.37
C ALA B 21 0.93 -4.19 18.40
N ILE B 22 0.61 -3.66 17.22
CA ILE B 22 -0.20 -2.46 17.11
C ILE B 22 -1.31 -2.62 16.07
N LEU B 23 -2.55 -2.42 16.49
CA LEU B 23 -3.68 -2.45 15.58
C LEU B 23 -4.05 -1.03 15.16
N VAL B 24 -4.06 -0.78 13.86
CA VAL B 24 -4.32 0.56 13.34
C VAL B 24 -5.63 0.60 12.55
N ASP B 25 -6.47 1.57 12.86
CA ASP B 25 -7.77 1.71 12.21
C ASP B 25 -7.83 2.93 11.29
N PHE B 26 -8.16 2.70 10.03
CA PHE B 26 -8.34 3.79 9.07
C PHE B 26 -9.82 4.13 8.94
N TRP B 27 -10.18 5.32 9.38
CA TRP B 27 -11.59 5.69 9.49
C TRP B 27 -11.85 7.13 9.05
N ALA B 28 -13.13 7.48 9.01
CA ALA B 28 -13.57 8.84 8.70
C ALA B 28 -14.90 9.13 9.38
N GLU B 29 -15.18 10.39 9.65
CA GLU B 29 -16.42 10.78 10.31
C GLU B 29 -17.63 10.51 9.42
N TRP B 30 -17.44 10.64 8.11
CA TRP B 30 -18.51 10.43 7.16
C TRP B 30 -18.69 8.94 6.84
N CYS B 31 -17.77 8.12 7.31
CA CYS B 31 -17.81 6.69 7.05
C CYS B 31 -18.79 5.96 7.97
N GLY B 32 -19.78 5.31 7.38
CA GLY B 32 -20.77 4.56 8.13
C GLY B 32 -20.19 3.38 8.88
N PRO B 33 -19.76 2.34 8.15
CA PRO B 33 -19.14 1.13 8.72
C PRO B 33 -18.01 1.42 9.69
N CYS B 34 -17.33 2.55 9.54
CA CYS B 34 -16.26 2.94 10.43
C CYS B 34 -16.79 3.22 11.84
N LYS B 35 -17.95 3.86 11.91
CA LYS B 35 -18.58 4.17 13.18
C LYS B 35 -19.22 2.91 13.77
N MET B 36 -19.47 1.93 12.91
CA MET B 36 -20.08 0.67 13.32
C MET B 36 -19.18 -0.14 14.25
N ILE B 37 -17.87 -0.13 13.97
CA ILE B 37 -16.93 -0.91 14.75
C ILE B 37 -16.22 -0.07 15.82
N ALA B 38 -16.60 1.20 15.91
CA ALA B 38 -15.99 2.12 16.87
C ALA B 38 -16.16 1.67 18.34
N PRO B 39 -17.39 1.27 18.76
CA PRO B 39 -17.48 0.84 20.16
C PRO B 39 -16.76 -0.47 20.43
N ILE B 40 -16.65 -1.33 19.42
CA ILE B 40 -15.97 -2.61 19.55
C ILE B 40 -14.50 -2.42 19.89
N LEU B 41 -13.86 -1.47 19.21
CA LEU B 41 -12.44 -1.18 19.40
C LEU B 41 -12.14 -0.74 20.83
N ASP B 42 -13.10 -0.09 21.47
CA ASP B 42 -12.95 0.35 22.86
C ASP B 42 -12.85 -0.83 23.81
N GLU B 43 -13.70 -1.83 23.62
CA GLU B 43 -13.69 -3.02 24.45
C GLU B 43 -12.42 -3.83 24.25
N ILE B 44 -11.95 -3.89 23.01
CA ILE B 44 -10.73 -4.60 22.67
C ILE B 44 -9.53 -4.03 23.41
N ALA B 45 -9.42 -2.70 23.43
CA ALA B 45 -8.30 -2.02 24.08
C ALA B 45 -8.22 -2.34 25.58
N ASP B 46 -9.38 -2.55 26.20
CA ASP B 46 -9.42 -2.88 27.62
C ASP B 46 -9.05 -4.33 27.87
N GLU B 47 -9.60 -5.23 27.07
CA GLU B 47 -9.35 -6.67 27.22
C GLU B 47 -7.93 -7.05 26.86
N TYR B 48 -7.44 -6.51 25.75
CA TYR B 48 -6.10 -6.81 25.28
C TYR B 48 -5.09 -5.81 25.83
N GLN B 49 -5.33 -5.36 27.06
CA GLN B 49 -4.45 -4.41 27.71
C GLN B 49 -3.11 -5.07 28.08
N GLY B 50 -2.02 -4.48 27.60
CA GLY B 50 -0.69 -5.01 27.89
C GLY B 50 -0.20 -5.99 26.84
N LYS B 51 -1.15 -6.57 26.09
CA LYS B 51 -0.81 -7.53 25.05
C LYS B 51 -0.93 -6.90 23.67
N LEU B 52 -1.60 -5.75 23.61
CA LEU B 52 -1.84 -5.06 22.35
C LEU B 52 -2.06 -3.58 22.56
N THR B 53 -1.79 -2.78 21.53
CA THR B 53 -2.07 -1.36 21.55
C THR B 53 -2.93 -0.97 20.35
N VAL B 54 -4.08 -0.36 20.63
CA VAL B 54 -5.01 0.03 19.58
C VAL B 54 -4.83 1.50 19.21
N ALA B 55 -4.76 1.79 17.92
CA ALA B 55 -4.56 3.16 17.44
C ALA B 55 -5.44 3.47 16.24
N LYS B 56 -5.74 4.76 16.06
CA LYS B 56 -6.58 5.21 14.95
C LYS B 56 -5.92 6.28 14.10
N LEU B 57 -6.35 6.37 12.85
CA LEU B 57 -5.88 7.42 11.94
C LEU B 57 -7.03 7.97 11.11
N ASN B 58 -7.32 9.26 11.28
CA ASN B 58 -8.36 9.91 10.49
C ASN B 58 -7.85 10.26 9.10
N ILE B 59 -8.38 9.60 8.08
CA ILE B 59 -7.87 9.75 6.72
C ILE B 59 -8.15 11.13 6.13
N ASP B 60 -9.15 11.83 6.65
CA ASP B 60 -9.44 13.19 6.20
C ASP B 60 -8.35 14.14 6.68
N GLN B 61 -8.06 14.07 7.97
CA GLN B 61 -7.01 14.89 8.57
C GLN B 61 -5.64 14.38 8.17
N ASN B 62 -5.55 13.11 7.83
CA ASN B 62 -4.28 12.49 7.47
C ASN B 62 -4.41 11.67 6.19
N PRO B 63 -4.30 12.35 5.04
CA PRO B 63 -4.46 11.70 3.73
C PRO B 63 -3.15 11.18 3.13
N GLY B 64 -2.07 11.24 3.90
CA GLY B 64 -0.78 10.79 3.44
C GLY B 64 -0.52 9.31 3.64
N THR B 65 -0.86 8.80 4.83
CA THR B 65 -0.51 7.43 5.22
C THR B 65 -1.33 6.35 4.51
N ALA B 66 -2.62 6.60 4.28
CA ALA B 66 -3.52 5.59 3.70
C ALA B 66 -3.10 5.11 2.30
N PRO B 67 -2.75 6.03 1.37
CA PRO B 67 -2.41 5.48 0.06
C PRO B 67 -1.09 4.71 0.05
N LYS B 68 -0.31 4.82 1.13
CA LYS B 68 0.98 4.13 1.23
C LYS B 68 0.79 2.61 1.28
N TYR B 69 -0.38 2.18 1.74
CA TYR B 69 -0.66 0.75 1.90
C TYR B 69 -1.76 0.26 0.94
N GLY B 70 -2.11 1.09 -0.03
CA GLY B 70 -3.08 0.71 -1.04
C GLY B 70 -4.48 0.49 -0.48
N ILE B 71 -4.93 1.39 0.38
CA ILE B 71 -6.24 1.28 1.01
C ILE B 71 -7.31 2.06 0.22
N ARG B 72 -8.19 1.32 -0.45
CA ARG B 72 -9.26 1.94 -1.23
C ARG B 72 -10.59 1.89 -0.47
N GLY B 73 -10.65 1.10 0.60
CA GLY B 73 -11.87 0.94 1.36
C GLY B 73 -11.69 1.07 2.86
N ILE B 74 -12.70 1.63 3.52
CA ILE B 74 -12.66 1.83 4.96
C ILE B 74 -13.95 1.29 5.60
N PRO B 75 -13.84 0.78 6.84
CA PRO B 75 -12.65 0.75 7.69
C PRO B 75 -11.66 -0.35 7.31
N THR B 76 -10.38 -0.09 7.52
CA THR B 76 -9.33 -1.08 7.26
C THR B 76 -8.43 -1.20 8.48
N LEU B 77 -8.23 -2.43 8.94
CA LEU B 77 -7.43 -2.67 10.14
C LEU B 77 -6.08 -3.26 9.79
N LEU B 78 -5.01 -2.58 10.19
CA LEU B 78 -3.66 -3.08 9.95
C LEU B 78 -3.04 -3.53 11.26
N LEU B 79 -2.54 -4.77 11.28
CA LEU B 79 -1.88 -5.30 12.46
C LEU B 79 -0.37 -5.27 12.27
N PHE B 80 0.31 -4.54 13.13
CA PHE B 80 1.75 -4.38 12.98
C PHE B 80 2.47 -5.21 14.02
N LYS B 81 3.43 -6.00 13.56
CA LYS B 81 4.28 -6.76 14.46
C LYS B 81 5.67 -6.22 14.24
N ASN B 82 6.29 -5.73 15.32
CA ASN B 82 7.52 -4.96 15.20
C ASN B 82 7.22 -3.77 14.30
N GLY B 83 8.01 -3.63 13.24
CA GLY B 83 7.80 -2.54 12.30
C GLY B 83 6.95 -2.84 11.06
N GLU B 84 6.40 -4.05 10.98
CA GLU B 84 5.79 -4.53 9.73
C GLU B 84 4.38 -5.10 9.85
N VAL B 85 3.64 -4.96 8.75
CA VAL B 85 2.26 -5.44 8.67
C VAL B 85 2.26 -6.96 8.67
N ALA B 86 1.46 -7.56 9.54
CA ALA B 86 1.35 -9.01 9.61
C ALA B 86 0.12 -9.49 8.84
N ALA B 87 -1.02 -8.87 9.14
CA ALA B 87 -2.27 -9.20 8.46
C ALA B 87 -3.22 -8.00 8.49
N THR B 88 -4.12 -7.95 7.51
CA THR B 88 -5.06 -6.84 7.40
C THR B 88 -6.50 -7.32 7.25
N LYS B 89 -7.45 -6.50 7.70
CA LYS B 89 -8.86 -6.81 7.56
C LYS B 89 -9.59 -5.63 6.93
N VAL B 90 -10.45 -5.91 5.96
CA VAL B 90 -11.17 -4.85 5.25
C VAL B 90 -12.68 -4.97 5.44
N GLY B 91 -13.29 -3.95 6.04
CA GLY B 91 -14.72 -3.92 6.24
C GLY B 91 -15.10 -4.06 7.70
N ALA B 92 -16.36 -3.78 8.01
CA ALA B 92 -16.85 -3.92 9.37
C ALA B 92 -16.99 -5.38 9.76
N LEU B 93 -16.89 -5.67 11.05
CA LEU B 93 -16.96 -7.05 11.54
C LEU B 93 -17.38 -7.08 13.01
N SER B 94 -17.95 -8.20 13.44
CA SER B 94 -18.38 -8.36 14.82
C SER B 94 -17.20 -8.49 15.76
N LYS B 95 -17.46 -8.35 17.06
CA LYS B 95 -16.41 -8.47 18.06
C LYS B 95 -15.82 -9.88 18.09
N GLY B 96 -16.66 -10.86 17.82
CA GLY B 96 -16.22 -12.25 17.76
C GLY B 96 -15.26 -12.48 16.62
N GLN B 97 -15.58 -11.91 15.46
CA GLN B 97 -14.74 -12.04 14.28
C GLN B 97 -13.42 -11.29 14.46
N LEU B 98 -13.47 -10.19 15.20
CA LEU B 98 -12.27 -9.40 15.46
C LEU B 98 -11.33 -10.12 16.40
N LYS B 99 -11.91 -10.75 17.43
CA LYS B 99 -11.13 -11.52 18.40
C LYS B 99 -10.51 -12.75 17.74
N GLU B 100 -11.28 -13.38 16.86
CA GLU B 100 -10.81 -14.54 16.11
C GLU B 100 -9.62 -14.17 15.23
N PHE B 101 -9.74 -13.04 14.55
CA PHE B 101 -8.66 -12.50 13.72
C PHE B 101 -7.45 -12.12 14.57
N LEU B 102 -7.72 -11.56 15.74
CA LEU B 102 -6.68 -11.07 16.63
C LEU B 102 -5.89 -12.19 17.29
N ASP B 103 -6.61 -13.19 17.80
CA ASP B 103 -6.00 -14.31 18.51
C ASP B 103 -5.12 -15.18 17.61
N ALA B 104 -5.43 -15.20 16.32
CA ALA B 104 -4.70 -16.03 15.38
C ALA B 104 -3.28 -15.52 15.15
N ASN B 105 -3.14 -14.20 15.06
CA ASN B 105 -1.85 -13.60 14.75
C ASN B 105 -0.98 -13.40 16.00
N LEU B 106 -1.62 -13.22 17.14
CA LEU B 106 -0.90 -12.93 18.38
C LEU B 106 -0.41 -14.18 19.09
N ALA B 107 -0.83 -15.35 18.62
CA ALA B 107 -0.42 -16.61 19.24
C ALA B 107 1.05 -16.94 18.97
N GLY B 108 1.43 -16.98 17.71
CA GLY B 108 2.79 -17.33 17.32
C GLY B 108 3.21 -18.72 17.75
N GLN C 1 -19.12 -8.17 3.42
CA GLN C 1 -18.23 -7.05 3.18
C GLN C 1 -18.98 -5.73 3.13
N VAL C 2 -18.87 -4.96 4.21
CA VAL C 2 -19.51 -3.66 4.30
C VAL C 2 -18.47 -2.56 4.48
N PHE C 3 -18.38 -1.67 3.50
CA PHE C 3 -17.37 -0.62 3.49
C PHE C 3 -17.72 0.48 2.50
N GLU C 4 -17.02 1.61 2.61
CA GLU C 4 -17.17 2.72 1.68
C GLU C 4 -15.81 3.11 1.11
N TYR C 5 -15.78 3.41 -0.18
CA TYR C 5 -14.54 3.82 -0.84
C TYR C 5 -14.01 5.14 -0.29
N ALA C 6 -12.72 5.19 -0.02
CA ALA C 6 -12.09 6.36 0.59
C ALA C 6 -11.43 7.26 -0.44
N GLU C 7 -11.50 6.87 -1.71
CA GLU C 7 -10.85 7.64 -2.78
C GLU C 7 -11.86 8.11 -3.83
N VAL C 8 -13.05 8.49 -3.37
CA VAL C 8 -14.07 8.98 -4.28
C VAL C 8 -14.01 10.51 -4.45
N ASP C 9 -13.84 10.94 -5.70
CA ASP C 9 -13.77 12.36 -6.02
C ASP C 9 -15.13 12.95 -6.37
N GLU C 10 -15.77 12.36 -7.38
CA GLU C 10 -17.04 12.86 -7.88
C GLU C 10 -17.87 11.75 -8.52
N ILE C 11 -19.19 11.91 -8.52
CA ILE C 11 -20.08 11.00 -9.21
C ILE C 11 -20.45 11.63 -10.56
N VAL C 12 -20.14 10.92 -11.65
CA VAL C 12 -20.38 11.47 -12.99
C VAL C 12 -21.78 11.13 -13.48
N GLU C 13 -22.17 9.86 -13.33
CA GLU C 13 -23.45 9.40 -13.84
C GLU C 13 -24.09 8.39 -12.89
N LYS C 14 -25.41 8.29 -12.94
CA LYS C 14 -26.15 7.38 -12.08
C LYS C 14 -27.07 6.47 -12.90
N ARG C 15 -27.01 5.17 -12.61
CA ARG C 15 -27.83 4.20 -13.32
C ARG C 15 -28.42 3.17 -12.35
N GLY C 16 -29.65 2.74 -12.62
CA GLY C 16 -30.30 1.74 -11.79
C GLY C 16 -31.45 2.26 -10.95
N LYS C 17 -32.18 1.34 -10.32
CA LYS C 17 -33.33 1.69 -9.48
C LYS C 17 -33.22 0.99 -8.13
N GLY C 18 -33.85 1.57 -7.11
CA GLY C 18 -33.90 0.99 -5.77
C GLY C 18 -32.56 0.91 -5.08
N LYS C 19 -32.36 -0.14 -4.28
CA LYS C 19 -31.13 -0.30 -3.52
C LYS C 19 -30.01 -0.82 -4.42
N ASP C 20 -30.37 -1.35 -5.59
CA ASP C 20 -29.37 -1.84 -6.54
C ASP C 20 -29.09 -0.79 -7.60
N VAL C 21 -28.54 0.34 -7.16
CA VAL C 21 -28.23 1.45 -8.05
C VAL C 21 -26.71 1.56 -8.20
N GLU C 22 -26.25 1.98 -9.37
CA GLU C 22 -24.82 2.09 -9.63
C GLU C 22 -24.42 3.51 -10.01
N TYR C 23 -23.25 3.93 -9.53
CA TYR C 23 -22.72 5.26 -9.81
C TYR C 23 -21.45 5.17 -10.65
N LEU C 24 -21.28 6.12 -11.57
CA LEU C 24 -20.03 6.26 -12.28
C LEU C 24 -19.15 7.21 -11.50
N VAL C 25 -18.05 6.70 -10.96
CA VAL C 25 -17.25 7.44 -10.01
C VAL C 25 -15.83 7.69 -10.51
N ARG C 26 -15.35 8.91 -10.32
CA ARG C 26 -13.97 9.26 -10.62
C ARG C 26 -13.13 9.23 -9.35
N TRP C 27 -11.96 8.63 -9.43
CA TRP C 27 -11.08 8.47 -8.27
C TRP C 27 -10.20 9.69 -8.08
N LYS C 28 -9.63 9.83 -6.89
CA LYS C 28 -8.77 10.97 -6.58
C LYS C 28 -7.33 10.67 -6.98
N ASP C 29 -7.08 9.43 -7.35
CA ASP C 29 -5.75 8.98 -7.73
C ASP C 29 -5.75 8.35 -9.12
N GLY C 30 -5.40 9.16 -10.12
CA GLY C 30 -5.34 8.67 -11.49
C GLY C 30 -6.46 9.22 -12.36
N GLY C 31 -7.50 9.74 -11.73
CA GLY C 31 -8.63 10.32 -12.44
C GLY C 31 -9.27 9.40 -13.46
N ASP C 32 -9.63 8.19 -13.03
CA ASP C 32 -10.27 7.23 -13.94
C ASP C 32 -11.70 6.93 -13.48
N CYS C 33 -12.55 6.57 -14.43
CA CYS C 33 -13.97 6.35 -14.15
C CYS C 33 -14.41 4.90 -14.34
N GLU C 34 -15.02 4.33 -13.30
CA GLU C 34 -15.56 2.97 -13.35
C GLU C 34 -16.83 2.87 -12.51
N TRP C 35 -17.69 1.94 -12.87
CA TRP C 35 -18.97 1.76 -12.17
C TRP C 35 -18.80 1.02 -10.85
N VAL C 36 -19.54 1.46 -9.84
CA VAL C 36 -19.51 0.81 -8.52
C VAL C 36 -20.92 0.72 -7.95
N LYS C 37 -21.05 0.05 -6.81
CA LYS C 37 -22.33 -0.06 -6.12
C LYS C 37 -22.51 1.10 -5.15
N GLY C 38 -23.75 1.57 -5.03
CA GLY C 38 -24.07 2.70 -4.17
C GLY C 38 -23.84 2.44 -2.69
N VAL C 39 -23.81 1.17 -2.31
CA VAL C 39 -23.60 0.80 -0.92
C VAL C 39 -22.18 1.16 -0.48
N HIS C 40 -21.24 1.07 -1.42
CA HIS C 40 -19.84 1.34 -1.13
C HIS C 40 -19.47 2.79 -1.40
N VAL C 41 -20.48 3.61 -1.67
CA VAL C 41 -20.28 5.03 -1.88
C VAL C 41 -20.77 5.79 -0.64
N ALA C 42 -19.96 6.74 -0.17
CA ALA C 42 -20.28 7.51 1.02
C ALA C 42 -21.62 8.23 0.90
N GLU C 43 -22.34 8.31 2.02
CA GLU C 43 -23.67 8.91 2.05
C GLU C 43 -23.59 10.42 1.76
N ASP C 44 -22.51 11.04 2.19
CA ASP C 44 -22.28 12.46 1.95
C ASP C 44 -22.13 12.78 0.46
N VAL C 45 -21.29 11.99 -0.20
CA VAL C 45 -21.01 12.18 -1.64
C VAL C 45 -22.26 12.01 -2.49
N ALA C 46 -23.07 11.00 -2.17
CA ALA C 46 -24.29 10.73 -2.94
C ALA C 46 -25.30 11.86 -2.77
N LYS C 47 -25.32 12.44 -1.58
CA LYS C 47 -26.22 13.55 -1.27
C LYS C 47 -25.93 14.76 -2.15
N ASP C 48 -24.65 15.08 -2.31
CA ASP C 48 -24.23 16.23 -3.09
C ASP C 48 -24.58 16.08 -4.57
N TYR C 49 -24.52 14.85 -5.07
CA TYR C 49 -24.83 14.59 -6.47
C TYR C 49 -26.32 14.77 -6.77
N GLU C 50 -27.17 14.27 -5.88
CA GLU C 50 -28.61 14.36 -6.09
C GLU C 50 -29.11 15.80 -5.91
N ASP C 51 -28.35 16.59 -5.16
CA ASP C 51 -28.71 17.99 -4.93
C ASP C 51 -28.22 18.91 -6.03
N GLY C 52 -27.57 18.34 -7.05
CA GLY C 52 -27.08 19.12 -8.17
C GLY C 52 -25.84 19.92 -7.85
N LEU C 53 -25.06 19.46 -6.87
CA LEU C 53 -23.84 20.14 -6.48
C LEU C 53 -22.61 19.49 -7.11
N GLU C 54 -21.46 20.16 -6.99
CA GLU C 54 -20.21 19.62 -7.50
C GLU C 54 -19.03 20.09 -6.66
N TYR C 55 -17.93 19.35 -6.73
CA TYR C 55 -16.75 19.65 -5.95
C TYR C 55 -15.75 20.48 -6.75
N ALA C 56 -15.20 21.53 -6.13
CA ALA C 56 -14.25 22.40 -6.79
C ALA C 56 -13.26 22.98 -5.79
N VAL C 57 -12.24 23.65 -6.29
CA VAL C 57 -11.22 24.25 -5.42
C VAL C 57 -11.37 25.76 -5.33
N ALA C 58 -11.36 26.27 -4.11
CA ALA C 58 -11.60 27.69 -3.87
C ALA C 58 -10.31 28.47 -3.64
N GLU C 59 -10.20 29.62 -4.29
CA GLU C 59 -9.06 30.51 -4.10
C GLU C 59 -9.12 31.17 -2.73
N SER C 60 -10.15 31.97 -2.50
CA SER C 60 -10.30 32.71 -1.25
C SER C 60 -11.72 33.27 -1.10
N VAL C 61 -12.05 33.71 0.11
CA VAL C 61 -13.36 34.34 0.34
C VAL C 61 -13.20 35.86 0.33
N ILE C 62 -14.03 36.52 -0.47
CA ILE C 62 -13.94 37.96 -0.64
C ILE C 62 -15.17 38.69 -0.10
N GLY C 63 -16.29 37.97 0.01
CA GLY C 63 -17.53 38.56 0.49
C GLY C 63 -18.28 37.70 1.48
N LYS C 64 -19.05 38.36 2.35
CA LYS C 64 -19.87 37.67 3.34
C LYS C 64 -21.19 38.41 3.53
N ARG C 65 -22.29 37.67 3.60
CA ARG C 65 -23.60 38.29 3.75
C ARG C 65 -24.60 37.37 4.46
N VAL C 66 -25.76 37.92 4.82
CA VAL C 66 -26.85 37.13 5.33
C VAL C 66 -27.82 36.80 4.19
N GLY C 67 -28.17 35.52 4.06
CA GLY C 67 -29.03 35.07 2.98
C GLY C 67 -30.41 35.71 3.02
N ASP C 68 -31.12 35.59 1.91
CA ASP C 68 -32.48 36.13 1.80
C ASP C 68 -33.42 35.47 2.80
N ASP C 69 -33.13 34.21 3.13
CA ASP C 69 -33.88 33.49 4.14
C ASP C 69 -33.67 34.09 5.53
N GLY C 70 -32.56 34.82 5.69
CA GLY C 70 -32.29 35.51 6.94
C GLY C 70 -31.79 34.61 8.04
N LYS C 71 -31.54 33.34 7.71
CA LYS C 71 -31.08 32.37 8.69
C LYS C 71 -29.66 31.91 8.43
N THR C 72 -29.35 31.61 7.17
CA THR C 72 -28.05 31.06 6.82
C THR C 72 -27.06 32.12 6.37
N ILE C 73 -25.82 32.00 6.86
CA ILE C 73 -24.74 32.87 6.43
C ILE C 73 -24.18 32.40 5.09
N GLU C 74 -23.95 33.34 4.18
CA GLU C 74 -23.39 33.00 2.88
C GLU C 74 -22.06 33.71 2.65
N TYR C 75 -21.17 33.05 1.92
CA TYR C 75 -19.88 33.62 1.60
C TYR C 75 -19.66 33.73 0.09
N LEU C 76 -18.99 34.79 -0.33
CA LEU C 76 -18.65 34.96 -1.73
C LEU C 76 -17.28 34.34 -1.98
N VAL C 77 -17.25 33.33 -2.84
CA VAL C 77 -16.05 32.52 -3.01
C VAL C 77 -15.42 32.63 -4.40
N LYS C 78 -14.10 32.87 -4.42
CA LYS C 78 -13.35 32.91 -5.67
C LYS C 78 -12.87 31.51 -6.04
N TRP C 79 -13.16 31.10 -7.27
CA TRP C 79 -12.87 29.74 -7.70
C TRP C 79 -11.68 29.72 -8.66
N THR C 80 -10.82 28.72 -8.51
CA THR C 80 -9.68 28.55 -9.40
C THR C 80 -10.20 28.24 -10.81
N ASP C 81 -11.27 27.47 -10.85
CA ASP C 81 -11.89 27.04 -12.10
C ASP C 81 -12.46 28.18 -12.96
N MET C 82 -12.95 29.24 -12.31
CA MET C 82 -13.61 30.31 -13.07
C MET C 82 -13.26 31.72 -12.60
N SER C 83 -13.54 32.68 -13.47
CA SER C 83 -13.22 34.08 -13.24
C SER C 83 -14.24 34.74 -12.31
N ASP C 84 -15.36 34.06 -12.10
CA ASP C 84 -16.49 34.66 -11.38
C ASP C 84 -16.67 34.07 -9.99
N ALA C 85 -17.01 34.93 -9.03
CA ALA C 85 -17.27 34.52 -7.67
C ALA C 85 -18.74 34.15 -7.48
N THR C 86 -19.01 33.26 -6.53
CA THR C 86 -20.39 32.84 -6.26
C THR C 86 -20.71 32.88 -4.77
N TRP C 87 -22.00 33.00 -4.45
CA TRP C 87 -22.44 32.99 -3.06
C TRP C 87 -22.83 31.58 -2.63
N GLU C 88 -22.13 31.06 -1.63
CA GLU C 88 -22.37 29.71 -1.15
C GLU C 88 -22.66 29.70 0.36
N PRO C 89 -23.49 28.75 0.81
CA PRO C 89 -23.79 28.58 2.23
C PRO C 89 -22.54 28.33 3.07
N GLN C 90 -22.63 28.62 4.36
CA GLN C 90 -21.49 28.52 5.28
C GLN C 90 -20.93 27.09 5.32
N ASP C 91 -21.82 26.11 5.18
CA ASP C 91 -21.41 24.70 5.20
C ASP C 91 -20.66 24.31 3.93
N ASN C 92 -20.89 25.05 2.86
CA ASN C 92 -20.29 24.74 1.56
C ASN C 92 -18.86 25.24 1.41
N VAL C 93 -18.39 26.06 2.33
CA VAL C 93 -17.08 26.67 2.20
C VAL C 93 -16.06 26.09 3.18
N ASP C 94 -14.80 26.06 2.76
CA ASP C 94 -13.70 25.54 3.57
C ASP C 94 -13.56 26.31 4.89
N SER C 95 -13.44 25.57 5.99
CA SER C 95 -13.39 26.16 7.32
C SER C 95 -12.15 27.03 7.53
N THR C 96 -11.04 26.63 6.94
CA THR C 96 -9.79 27.39 7.07
C THR C 96 -9.86 28.71 6.30
N LEU C 97 -10.63 28.69 5.20
CA LEU C 97 -10.73 29.87 4.33
C LEU C 97 -11.47 31.03 4.96
N VAL C 98 -12.54 30.74 5.72
CA VAL C 98 -13.32 31.80 6.34
C VAL C 98 -12.51 32.50 7.42
N LEU C 99 -11.50 31.81 7.95
CA LEU C 99 -10.59 32.39 8.93
C LEU C 99 -9.69 33.44 8.27
N LEU C 100 -9.47 33.31 6.96
CA LEU C 100 -8.71 34.33 6.24
C LEU C 100 -9.52 35.62 6.17
N TYR C 101 -10.83 35.47 6.18
CA TYR C 101 -11.73 36.63 6.12
C TYR C 101 -11.77 37.39 7.44
N GLN C 102 -11.73 36.64 8.55
CA GLN C 102 -11.83 37.22 9.88
C GLN C 102 -10.63 38.07 10.27
N GLN C 103 -9.46 37.74 9.73
CA GLN C 103 -8.23 38.44 10.09
C GLN C 103 -8.19 39.88 9.58
N GLN C 104 -8.88 40.13 8.46
CA GLN C 104 -8.85 41.46 7.84
C GLN C 104 -9.60 42.50 8.66
N GLN C 105 -10.60 42.05 9.41
CA GLN C 105 -11.44 42.94 10.21
C GLN C 105 -10.63 43.84 11.14
N GLN D 1 7.45 -14.12 11.57
CA GLN D 1 7.47 -13.34 10.34
C GLN D 1 8.54 -13.84 9.38
N VAL D 2 8.13 -14.60 8.38
CA VAL D 2 9.07 -15.09 7.37
C VAL D 2 8.69 -14.58 5.99
N PHE D 3 9.54 -13.71 5.44
CA PHE D 3 9.26 -13.07 4.15
C PHE D 3 10.51 -12.37 3.64
N GLU D 4 10.50 -12.00 2.36
CA GLU D 4 11.60 -11.21 1.81
C GLU D 4 11.08 -9.94 1.16
N TYR D 5 11.77 -8.83 1.40
CA TYR D 5 11.40 -7.55 0.81
C TYR D 5 11.62 -7.59 -0.69
N ALA D 6 10.64 -7.09 -1.46
CA ALA D 6 10.71 -7.16 -2.91
C ALA D 6 11.22 -5.87 -3.54
N GLU D 7 11.48 -4.86 -2.70
CA GLU D 7 11.93 -3.57 -3.20
C GLU D 7 13.26 -3.14 -2.60
N VAL D 8 14.18 -4.08 -2.43
CA VAL D 8 15.51 -3.79 -1.92
C VAL D 8 16.46 -3.44 -3.05
N ASP D 9 17.06 -2.26 -2.97
CA ASP D 9 17.99 -1.81 -4.00
C ASP D 9 19.41 -2.26 -3.71
N GLU D 10 19.94 -1.84 -2.56
CA GLU D 10 21.32 -2.18 -2.19
C GLU D 10 21.49 -2.10 -0.68
N ILE D 11 22.49 -2.81 -0.15
CA ILE D 11 22.81 -2.78 1.27
C ILE D 11 23.93 -1.79 1.56
N VAL D 12 23.65 -0.83 2.44
CA VAL D 12 24.59 0.24 2.75
C VAL D 12 25.54 -0.10 3.90
N GLU D 13 25.00 -0.62 4.99
CA GLU D 13 25.80 -0.89 6.19
C GLU D 13 25.36 -2.17 6.90
N LYS D 14 26.28 -2.76 7.65
CA LYS D 14 26.03 -3.99 8.40
C LYS D 14 26.39 -3.79 9.87
N ARG D 15 25.52 -4.23 10.77
CA ARG D 15 25.73 -4.03 12.20
C ARG D 15 25.40 -5.26 13.05
N GLY D 16 25.36 -6.43 12.43
CA GLY D 16 25.05 -7.65 13.13
C GLY D 16 26.09 -8.75 12.94
N LYS D 17 25.95 -9.81 13.71
CA LYS D 17 26.88 -10.93 13.67
C LYS D 17 26.10 -12.23 13.49
N GLY D 18 26.70 -13.22 12.85
CA GLY D 18 26.06 -14.52 12.71
C GLY D 18 24.76 -14.49 11.91
N LYS D 19 23.82 -15.34 12.31
CA LYS D 19 22.52 -15.42 11.63
C LYS D 19 21.62 -14.25 12.04
N ASP D 20 21.97 -13.61 13.16
CA ASP D 20 21.23 -12.46 13.65
C ASP D 20 21.93 -11.17 13.23
N VAL D 21 21.99 -10.94 11.92
CA VAL D 21 22.66 -9.78 11.36
C VAL D 21 21.63 -8.80 10.80
N GLU D 22 21.94 -7.51 10.87
CA GLU D 22 21.03 -6.48 10.37
C GLU D 22 21.69 -5.66 9.27
N TYR D 23 20.90 -5.31 8.25
CA TYR D 23 21.40 -4.54 7.12
C TYR D 23 20.74 -3.18 6.99
N LEU D 24 21.51 -2.18 6.60
CA LEU D 24 20.97 -0.88 6.24
C LEU D 24 20.63 -0.87 4.75
N VAL D 25 19.34 -0.76 4.45
CA VAL D 25 18.87 -0.98 3.08
C VAL D 25 18.18 0.25 2.48
N ARG D 26 18.50 0.53 1.22
CA ARG D 26 17.82 1.58 0.46
C ARG D 26 16.75 0.93 -0.43
N TRP D 27 15.56 1.50 -0.45
CA TRP D 27 14.46 0.90 -1.19
C TRP D 27 14.40 1.35 -2.65
N LYS D 28 13.74 0.56 -3.48
CA LYS D 28 13.58 0.85 -4.90
C LYS D 28 12.30 1.64 -5.19
N ASP D 29 11.45 1.80 -4.19
CA ASP D 29 10.15 2.44 -4.40
C ASP D 29 9.89 3.67 -3.53
N GLY D 30 10.71 3.87 -2.49
CA GLY D 30 10.52 5.01 -1.61
C GLY D 30 11.78 5.77 -1.29
N GLY D 31 12.93 5.13 -1.55
CA GLY D 31 14.23 5.74 -1.31
C GLY D 31 14.42 6.24 0.10
N ASP D 32 14.08 5.41 1.08
CA ASP D 32 14.27 5.74 2.48
C ASP D 32 15.24 4.74 3.11
N CYS D 33 15.93 5.14 4.17
CA CYS D 33 16.92 4.27 4.79
C CYS D 33 16.50 3.83 6.19
N GLU D 34 16.39 2.52 6.38
CA GLU D 34 16.06 1.94 7.67
C GLU D 34 16.69 0.56 7.83
N TRP D 35 16.94 0.17 9.08
CA TRP D 35 17.55 -1.13 9.37
C TRP D 35 16.54 -2.26 9.28
N VAL D 36 16.98 -3.40 8.74
CA VAL D 36 16.15 -4.59 8.64
C VAL D 36 16.96 -5.83 9.00
N LYS D 37 16.28 -6.97 9.09
CA LYS D 37 16.96 -8.23 9.39
C LYS D 37 17.42 -8.91 8.10
N GLY D 38 18.57 -9.57 8.17
CA GLY D 38 19.16 -10.22 7.01
C GLY D 38 18.31 -11.36 6.46
N VAL D 39 17.42 -11.88 7.30
CA VAL D 39 16.52 -12.96 6.90
C VAL D 39 15.54 -12.47 5.84
N HIS D 40 15.15 -11.21 5.93
CA HIS D 40 14.17 -10.64 5.03
C HIS D 40 14.81 -10.02 3.79
N VAL D 41 16.11 -10.24 3.63
CA VAL D 41 16.84 -9.77 2.45
C VAL D 41 17.16 -10.92 1.51
N ALA D 42 16.91 -10.73 0.23
CA ALA D 42 17.16 -11.75 -0.79
C ALA D 42 18.64 -12.15 -0.76
N GLU D 43 18.91 -13.43 -1.01
CA GLU D 43 20.27 -13.96 -0.91
C GLU D 43 21.23 -13.34 -1.92
N ASP D 44 20.74 -13.02 -3.12
CA ASP D 44 21.58 -12.43 -4.15
C ASP D 44 22.11 -11.06 -3.73
N VAL D 45 21.22 -10.19 -3.25
CA VAL D 45 21.61 -8.86 -2.81
C VAL D 45 22.56 -8.94 -1.61
N ALA D 46 22.24 -9.84 -0.68
CA ALA D 46 23.03 -10.02 0.53
C ALA D 46 24.41 -10.62 0.22
N LYS D 47 24.47 -11.51 -0.76
CA LYS D 47 25.71 -12.16 -1.13
C LYS D 47 26.75 -11.15 -1.63
N ASP D 48 26.30 -10.23 -2.48
CA ASP D 48 27.19 -9.24 -3.07
C ASP D 48 27.80 -8.30 -2.03
N TYR D 49 27.02 -7.96 -1.01
CA TYR D 49 27.50 -7.07 0.02
C TYR D 49 28.56 -7.75 0.89
N GLU D 50 28.31 -9.02 1.22
CA GLU D 50 29.22 -9.79 2.06
C GLU D 50 30.51 -10.12 1.33
N ASP D 51 30.46 -10.09 0.00
CA ASP D 51 31.65 -10.34 -0.81
C ASP D 51 32.48 -9.07 -0.97
N GLY D 52 32.03 -8.00 -0.30
CA GLY D 52 32.72 -6.72 -0.32
C GLY D 52 32.50 -5.97 -1.62
N LEU D 53 31.40 -6.26 -2.30
CA LEU D 53 31.07 -5.57 -3.54
C LEU D 53 30.04 -4.48 -3.32
N GLU D 54 29.85 -3.65 -4.34
CA GLU D 54 28.84 -2.59 -4.30
C GLU D 54 28.36 -2.32 -5.72
N TYR D 55 27.17 -1.75 -5.85
CA TYR D 55 26.58 -1.53 -7.17
C TYR D 55 26.83 -0.11 -7.68
N ALA D 56 27.24 -0.02 -8.94
CA ALA D 56 27.50 1.28 -9.57
C ALA D 56 27.26 1.25 -11.07
N VAL D 57 27.30 2.42 -11.70
CA VAL D 57 27.13 2.54 -13.14
C VAL D 57 28.47 2.87 -13.78
N ALA D 58 28.82 2.14 -14.84
CA ALA D 58 30.13 2.28 -15.46
C ALA D 58 30.11 3.17 -16.70
N GLU D 59 31.08 4.07 -16.80
CA GLU D 59 31.22 4.91 -17.98
C GLU D 59 31.72 4.08 -19.15
N SER D 60 32.93 3.55 -19.00
CA SER D 60 33.58 2.78 -20.06
C SER D 60 34.77 1.99 -19.52
N VAL D 61 35.26 1.06 -20.32
CA VAL D 61 36.45 0.30 -19.98
C VAL D 61 37.65 0.90 -20.72
N ILE D 62 38.71 1.22 -19.98
CA ILE D 62 39.86 1.89 -20.57
C ILE D 62 41.13 1.04 -20.54
N GLY D 63 41.18 0.06 -19.65
CA GLY D 63 42.35 -0.80 -19.52
C GLY D 63 42.02 -2.27 -19.39
N LYS D 64 42.97 -3.11 -19.79
CA LYS D 64 42.81 -4.55 -19.72
C LYS D 64 44.13 -5.22 -19.32
N ARG D 65 44.07 -6.20 -18.43
CA ARG D 65 45.26 -6.87 -17.96
C ARG D 65 44.99 -8.30 -17.51
N VAL D 66 46.05 -9.04 -17.22
CA VAL D 66 45.94 -10.35 -16.61
C VAL D 66 46.07 -10.18 -15.10
N GLY D 67 45.14 -10.78 -14.37
CA GLY D 67 45.09 -10.62 -12.92
C GLY D 67 46.33 -11.10 -12.19
N ASP D 68 46.46 -10.70 -10.93
CA ASP D 68 47.60 -11.09 -10.10
C ASP D 68 47.66 -12.60 -9.91
N ASP D 69 46.49 -13.23 -9.93
CA ASP D 69 46.40 -14.69 -9.85
C ASP D 69 46.96 -15.34 -11.11
N GLY D 70 47.02 -14.57 -12.20
CA GLY D 70 47.58 -15.05 -13.46
C GLY D 70 46.64 -15.96 -14.22
N LYS D 71 45.41 -16.07 -13.74
CA LYS D 71 44.41 -16.93 -14.36
C LYS D 71 43.26 -16.13 -14.96
N THR D 72 42.76 -15.17 -14.18
CA THR D 72 41.57 -14.41 -14.57
C THR D 72 41.90 -13.09 -15.26
N ILE D 73 41.17 -12.78 -16.31
CA ILE D 73 41.31 -11.51 -17.02
C ILE D 73 40.62 -10.38 -16.27
N GLU D 74 41.30 -9.25 -16.14
CA GLU D 74 40.74 -8.09 -15.46
C GLU D 74 40.64 -6.87 -16.39
N TYR D 75 39.64 -6.04 -16.15
CA TYR D 75 39.45 -4.83 -16.95
C TYR D 75 39.50 -3.58 -16.07
N LEU D 76 40.08 -2.51 -16.60
CA LEU D 76 40.10 -1.23 -15.90
C LEU D 76 38.90 -0.42 -16.35
N VAL D 77 38.02 -0.10 -15.40
CA VAL D 77 36.72 0.48 -15.73
C VAL D 77 36.56 1.91 -15.20
N LYS D 78 36.10 2.81 -16.06
CA LYS D 78 35.82 4.18 -15.65
C LYS D 78 34.39 4.28 -15.12
N TRP D 79 34.25 4.88 -13.94
CA TRP D 79 32.97 4.88 -13.26
C TRP D 79 32.28 6.25 -13.33
N THR D 80 30.98 6.25 -13.56
CA THR D 80 30.19 7.49 -13.55
C THR D 80 30.14 8.06 -12.15
N ASP D 81 30.05 7.15 -11.20
CA ASP D 81 29.92 7.49 -9.79
C ASP D 81 31.13 8.23 -9.22
N MET D 82 32.34 7.90 -9.66
CA MET D 82 33.53 8.57 -9.13
C MET D 82 34.62 8.76 -10.19
N SER D 83 35.57 9.62 -9.88
CA SER D 83 36.61 10.06 -10.81
C SER D 83 37.79 9.08 -11.10
N ASP D 84 37.92 8.02 -10.31
CA ASP D 84 39.06 7.10 -10.44
C ASP D 84 38.66 5.76 -11.04
N ALA D 85 39.52 5.18 -11.86
CA ALA D 85 39.24 3.86 -12.45
C ALA D 85 39.74 2.74 -11.53
N THR D 86 39.07 1.59 -11.59
CA THR D 86 39.45 0.43 -10.78
C THR D 86 39.52 -0.84 -11.63
N TRP D 87 40.28 -1.83 -11.16
CA TRP D 87 40.38 -3.10 -11.83
C TRP D 87 39.37 -4.11 -11.29
N GLU D 88 38.46 -4.57 -12.16
CA GLU D 88 37.43 -5.53 -11.76
C GLU D 88 37.47 -6.77 -12.65
N PRO D 89 37.11 -7.94 -12.09
CA PRO D 89 37.03 -9.18 -12.85
C PRO D 89 36.09 -9.06 -14.05
N GLN D 90 36.30 -9.88 -15.07
CA GLN D 90 35.53 -9.82 -16.30
C GLN D 90 34.03 -10.04 -16.07
N ASP D 91 33.71 -10.89 -15.10
CA ASP D 91 32.31 -11.18 -14.77
C ASP D 91 31.63 -10.01 -14.09
N ASN D 92 32.43 -9.17 -13.44
CA ASN D 92 31.90 -8.03 -12.68
C ASN D 92 31.57 -6.82 -13.55
N VAL D 93 31.98 -6.86 -14.81
CA VAL D 93 31.83 -5.70 -15.70
C VAL D 93 30.73 -5.94 -16.72
N ASP D 94 30.08 -4.85 -17.14
CA ASP D 94 28.99 -4.90 -18.11
C ASP D 94 29.43 -5.53 -19.43
N SER D 95 28.65 -6.49 -19.91
CA SER D 95 29.00 -7.28 -21.08
C SER D 95 29.06 -6.48 -22.38
N THR D 96 28.15 -5.51 -22.54
CA THR D 96 28.14 -4.71 -23.76
C THR D 96 29.30 -3.73 -23.79
N LEU D 97 29.74 -3.28 -22.61
CA LEU D 97 30.80 -2.30 -22.51
C LEU D 97 32.17 -2.84 -22.93
N VAL D 98 32.44 -4.10 -22.60
CA VAL D 98 33.73 -4.69 -22.97
C VAL D 98 33.85 -4.87 -24.48
N LEU D 99 32.71 -4.96 -25.17
CA LEU D 99 32.70 -5.05 -26.62
C LEU D 99 33.12 -3.74 -27.25
N LEU D 100 32.90 -2.65 -26.52
CA LEU D 100 33.34 -1.32 -26.92
C LEU D 100 34.86 -1.21 -26.92
N TYR D 101 35.51 -2.08 -26.16
CA TYR D 101 36.96 -2.06 -26.05
C TYR D 101 37.64 -2.51 -27.34
N GLN D 102 37.01 -3.43 -28.06
CA GLN D 102 37.58 -3.98 -29.29
C GLN D 102 37.73 -2.93 -30.39
N GLN D 103 36.87 -1.91 -30.37
CA GLN D 103 36.92 -0.86 -31.39
C GLN D 103 38.18 -0.01 -31.25
N GLN D 104 38.72 0.01 -30.03
CA GLN D 104 39.87 0.85 -29.70
C GLN D 104 41.15 0.42 -30.41
N GLN D 105 41.25 -0.86 -30.73
CA GLN D 105 42.44 -1.42 -31.38
C GLN D 105 42.83 -0.65 -32.65
N SER E 1 -17.29 19.93 5.33
CA SER E 1 -16.60 21.20 5.50
C SER E 1 -15.10 21.07 5.29
N LYS E 2 -14.70 19.97 4.64
CA LYS E 2 -13.34 19.78 4.16
C LYS E 2 -13.28 20.33 2.74
N ARG E 3 -14.17 19.82 1.91
CA ARG E 3 -14.25 20.17 0.50
C ARG E 3 -15.22 21.32 0.31
N SER E 4 -15.01 22.12 -0.72
CA SER E 4 -15.94 23.21 -0.97
C SER E 4 -16.89 22.84 -2.11
N LYS E 5 -18.14 23.26 -1.95
CA LYS E 5 -19.21 22.94 -2.87
C LYS E 5 -19.67 24.16 -3.68
N ARG E 6 -20.24 23.92 -4.85
CA ARG E 6 -20.73 24.99 -5.70
C ARG E 6 -21.80 24.43 -6.62
N LYS E 7 -22.74 25.28 -7.04
CA LYS E 7 -23.81 24.83 -7.92
C LYS E 7 -23.20 24.27 -9.19
N ARG E 8 -23.89 23.32 -9.81
CA ARG E 8 -23.28 22.54 -10.89
C ARG E 8 -22.88 23.41 -12.07
N THR E 9 -21.57 23.63 -12.21
CA THR E 9 -20.96 24.31 -13.34
C THR E 9 -21.32 25.80 -13.32
N LYS F 2 23.54 -1.55 -17.81
CA LYS F 2 22.92 -1.37 -16.49
C LYS F 2 23.99 -1.21 -15.41
N ARG F 3 23.75 -1.81 -14.24
CA ARG F 3 24.66 -1.67 -13.11
C ARG F 3 25.76 -2.73 -13.10
N SER F 4 26.95 -2.26 -12.72
CA SER F 4 28.14 -3.07 -12.56
C SER F 4 28.55 -3.14 -11.10
N LYS F 5 29.25 -4.20 -10.71
CA LYS F 5 29.64 -4.32 -9.31
C LYS F 5 31.11 -3.94 -9.16
N ARG F 6 31.46 -3.54 -7.94
CA ARG F 6 32.82 -3.09 -7.65
C ARG F 6 33.17 -3.30 -6.19
N LYS F 7 34.43 -3.59 -5.94
CA LYS F 7 34.96 -3.80 -4.60
C LYS F 7 34.81 -2.53 -3.77
N ARG F 8 34.75 -2.67 -2.45
CA ARG F 8 34.34 -1.60 -1.54
C ARG F 8 35.24 -0.34 -1.64
N THR F 9 36.22 -0.37 -2.54
CA THR F 9 37.07 0.79 -2.87
C THR F 9 38.00 1.12 -1.71
#